data_9ECY
#
_entry.id   9ECY
#
_cell.length_a   63.422
_cell.length_b   69.071
_cell.length_c   102.475
_cell.angle_alpha   90.00
_cell.angle_beta   90.00
_cell.angle_gamma   90.00
#
_symmetry.space_group_name_H-M   'P 21 21 21'
#
loop_
_entity.id
_entity.type
_entity.pdbx_description
1 polymer 'WRAIR-2039 Fab heavy chain'
2 polymer 'WRAIR-2039 Fab light chain'
3 non-polymer GLYCEROL
4 non-polymer 3,6,9,12,15,18,21,24-OCTAOXAHEXACOSAN-1-OL
5 water water
#
loop_
_entity_poly.entity_id
_entity_poly.type
_entity_poly.pdbx_seq_one_letter_code
_entity_poly.pdbx_strand_id
1 'polypeptide(L)'
;QVQLVQSGAEVKKPGASVKVSCKVSGYMLIELSMHWVRQAPGKGLEWMGGFDPEDAETIYAQEFQGRVTMTEDTSTDTAY
MELSSLRSEDTAVYYCTTGPAVTNRPADYWGPGTLVTVSSASTKGPSVFPLAPSSKSTSGGTAALGCLVKDYFPEPVTVS
WNSGALTSGVHTFPAVLQSSGLYSLSSVVTVPSSSLGTQTYICNVNHKPSNTKVDKRVEPKS
;
H
2 'polypeptide(L)'
;QSVLTQPPSVSGAPGQRVTISCTGSSSNIGASYDVHWYQQLPGTAPKLLIYANSNRPSGVPDRFSGSKSGTSASLAITGL
QAEDEADYYCQSYDSSLSYSVVFGGGTKLTVLGQPKAAPSVTLFPPSSEELQANKATLVCLISDFYPGAVTVAWKADSSP
VKAGVETTTPSKQSNNKYAASSYLSLTPEQWKSHRSYSCQVTHEGSTVEKTVAPTECS
;
L
#
# COMPACT_ATOMS: atom_id res chain seq x y z
N GLN A 1 2.22 21.38 14.03
CA GLN A 1 3.12 21.17 12.81
C GLN A 1 2.29 21.24 11.54
N VAL A 2 2.70 20.61 10.44
CA VAL A 2 1.86 20.55 9.25
C VAL A 2 1.12 19.22 9.18
N GLN A 3 -0.19 19.27 8.94
CA GLN A 3 -0.97 18.07 8.65
C GLN A 3 -1.69 18.31 7.35
N LEU A 4 -1.85 17.25 6.58
CA LEU A 4 -2.46 17.25 5.26
C LEU A 4 -3.55 16.19 5.13
N VAL A 5 -4.69 16.57 4.58
CA VAL A 5 -5.77 15.63 4.31
C VAL A 5 -6.18 15.80 2.86
N GLN A 6 -6.39 14.70 2.17
CA GLN A 6 -6.71 14.74 0.76
C GLN A 6 -8.10 14.18 0.48
N SER A 7 -8.59 14.55 -0.68
CA SER A 7 -9.84 13.98 -1.16
C SER A 7 -9.69 12.49 -1.52
N GLY A 8 -10.84 11.85 -1.63
CA GLY A 8 -10.84 10.41 -1.72
C GLY A 8 -10.54 9.86 -3.11
N ALA A 9 -10.21 8.58 -3.11
CA ALA A 9 -9.92 7.84 -4.35
C ALA A 9 -11.18 7.81 -5.22
N GLU A 10 -10.96 7.74 -6.52
CA GLU A 10 -12.05 7.62 -7.49
C GLU A 10 -11.55 7.11 -8.81
N VAL A 11 -12.52 6.51 -9.56
CA VAL A 11 -12.29 6.13 -10.95
C VAL A 11 -12.75 7.29 -11.86
N LYS A 12 -11.95 7.55 -12.91
CA LYS A 12 -12.25 8.55 -13.95
C LYS A 12 -12.12 7.85 -15.29
N LYS A 13 -12.97 8.26 -16.24
CA LYS A 13 -12.87 7.74 -17.60
C LYS A 13 -11.68 8.27 -18.36
N PRO A 14 -11.14 7.48 -19.28
CA PRO A 14 -10.15 8.03 -20.18
C PRO A 14 -10.71 9.25 -20.91
N GLY A 15 -9.86 10.25 -21.03
CA GLY A 15 -10.21 11.51 -21.64
C GLY A 15 -10.85 12.51 -20.70
N ALA A 16 -11.29 12.10 -19.51
CA ALA A 16 -11.92 12.98 -18.52
C ALA A 16 -10.82 13.70 -17.73
N SER A 17 -11.23 14.48 -16.73
CA SER A 17 -10.34 15.19 -15.80
C SER A 17 -10.64 14.81 -14.36
N VAL A 18 -9.65 14.97 -13.50
CA VAL A 18 -9.76 14.75 -12.09
C VAL A 18 -9.24 15.99 -11.38
N LYS A 19 -9.87 16.29 -10.27
CA LYS A 19 -9.51 17.40 -9.37
C LYS A 19 -9.32 16.80 -8.00
N VAL A 20 -8.07 16.83 -7.48
CA VAL A 20 -7.71 16.32 -6.16
C VAL A 20 -7.45 17.49 -5.23
N SER A 21 -7.98 17.43 -4.03
CA SER A 21 -7.84 18.46 -3.02
C SER A 21 -6.89 18.01 -1.92
N CYS A 22 -6.30 19.02 -1.23
CA CYS A 22 -5.34 18.84 -0.16
C CYS A 22 -5.59 19.98 0.80
N LYS A 23 -6.12 19.66 1.96
CA LYS A 23 -6.37 20.65 3.01
C LYS A 23 -5.24 20.64 4.03
N VAL A 24 -4.75 21.83 4.33
CA VAL A 24 -3.58 22.00 5.18
C VAL A 24 -4.02 22.54 6.53
N SER A 25 -3.43 22.02 7.59
CA SER A 25 -3.62 22.59 8.91
C SER A 25 -2.28 22.68 9.62
N GLY A 26 -2.24 23.59 10.58
CA GLY A 26 -1.08 23.81 11.42
C GLY A 26 -0.29 25.03 11.02
N TYR A 27 -0.11 25.23 9.71
CA TYR A 27 0.47 26.42 9.10
C TYR A 27 -0.54 26.92 8.10
N MET A 28 -0.57 28.24 7.90
CA MET A 28 -1.37 28.85 6.82
C MET A 28 -0.77 28.51 5.45
N LEU A 29 -1.64 28.42 4.44
CA LEU A 29 -1.14 27.99 3.14
C LEU A 29 -0.12 28.98 2.59
N ILE A 30 -0.24 30.26 2.95
CA ILE A 30 0.71 31.26 2.47
C ILE A 30 2.13 31.03 2.99
N GLU A 31 2.29 30.24 4.05
CA GLU A 31 3.60 29.99 4.60
C GLU A 31 4.28 28.77 3.97
N LEU A 32 3.60 28.10 3.04
CA LEU A 32 3.98 26.79 2.54
C LEU A 32 4.20 26.81 1.05
N SER A 33 5.12 25.96 0.61
CA SER A 33 5.28 25.67 -0.81
C SER A 33 4.57 24.37 -1.09
N MET A 34 3.50 24.41 -1.88
CA MET A 34 2.77 23.23 -2.23
C MET A 34 3.25 22.63 -3.54
N HIS A 35 3.40 21.32 -3.54
CA HIS A 35 3.77 20.56 -4.70
C HIS A 35 2.85 19.32 -4.82
N TRP A 36 2.87 18.69 -5.99
CA TRP A 36 2.15 17.46 -6.23
C TRP A 36 3.16 16.48 -6.83
N VAL A 37 3.20 15.25 -6.27
CA VAL A 37 4.08 14.15 -6.69
C VAL A 37 3.16 12.96 -6.85
N ARG A 38 3.31 12.20 -7.97
CA ARG A 38 2.52 10.97 -8.13
C ARG A 38 3.40 9.75 -8.20
N GLN A 39 2.76 8.60 -7.94
CA GLN A 39 3.43 7.29 -7.98
C GLN A 39 2.47 6.32 -8.61
N ALA A 40 2.79 5.88 -9.80
CA ALA A 40 2.01 4.82 -10.45
C ALA A 40 2.31 3.53 -9.71
N PRO A 41 1.41 2.55 -9.79
CA PRO A 41 1.59 1.33 -8.99
C PRO A 41 2.87 0.59 -9.40
N GLY A 42 3.67 0.26 -8.39
CA GLY A 42 4.97 -0.37 -8.57
C GLY A 42 6.04 0.45 -9.23
N LYS A 43 5.85 1.75 -9.38
CA LYS A 43 6.85 2.58 -10.02
CA LYS A 43 6.81 2.62 -10.03
C LYS A 43 7.35 3.68 -9.07
N GLY A 44 8.18 4.59 -9.60
CA GLY A 44 8.80 5.60 -8.77
C GLY A 44 7.98 6.86 -8.65
N LEU A 45 8.63 7.86 -8.07
CA LEU A 45 8.05 9.15 -7.77
C LEU A 45 8.24 10.09 -8.95
N GLU A 46 7.17 10.76 -9.32
CA GLU A 46 7.16 11.71 -10.42
C GLU A 46 6.60 13.03 -9.96
N TRP A 47 7.41 14.10 -10.04
CA TRP A 47 6.97 15.45 -9.70
C TRP A 47 6.07 16.00 -10.77
N MET A 48 4.91 16.52 -10.35
CA MET A 48 3.99 17.13 -11.32
C MET A 48 4.16 18.65 -11.45
N GLY A 49 4.53 19.30 -10.38
CA GLY A 49 4.57 20.76 -10.37
C GLY A 49 4.51 21.25 -8.94
N GLY A 50 4.75 22.54 -8.78
CA GLY A 50 4.61 23.15 -7.47
C GLY A 50 5.25 24.51 -7.32
N PHE A 51 5.21 25.02 -6.08
CA PHE A 51 5.57 26.41 -5.84
C PHE A 51 7.08 26.58 -5.69
N ASP A 52 7.64 27.51 -6.47
CA ASP A 52 9.04 27.91 -6.37
C ASP A 52 9.14 29.19 -5.55
N PRO A 53 9.50 29.14 -4.25
CA PRO A 53 9.38 30.36 -3.45
C PRO A 53 10.38 31.38 -3.86
N GLU A 54 11.43 30.97 -4.59
CA GLU A 54 12.44 31.96 -4.96
C GLU A 54 11.90 32.90 -6.05
N ASP A 55 11.07 32.39 -6.97
CA ASP A 55 10.41 33.26 -7.95
C ASP A 55 8.98 33.58 -7.55
N ALA A 56 8.47 32.96 -6.51
CA ALA A 56 7.09 33.13 -6.10
C ALA A 56 6.11 32.80 -7.23
N GLU A 57 6.32 31.65 -7.87
CA GLU A 57 5.44 31.23 -8.95
C GLU A 57 5.27 29.72 -8.86
N THR A 58 4.12 29.24 -9.29
CA THR A 58 3.94 27.79 -9.43
C THR A 58 4.38 27.37 -10.83
N ILE A 59 5.20 26.36 -10.88
CA ILE A 59 5.81 25.84 -12.09
C ILE A 59 5.38 24.40 -12.30
N TYR A 60 5.02 24.06 -13.52
CA TYR A 60 4.64 22.68 -13.85
C TYR A 60 5.74 21.89 -14.53
N ALA A 61 5.77 20.60 -14.26
CA ALA A 61 6.69 19.72 -14.97
C ALA A 61 6.37 19.69 -16.45
N GLN A 62 7.41 19.55 -17.26
CA GLN A 62 7.30 19.50 -18.74
C GLN A 62 6.27 18.51 -19.22
N GLU A 63 6.23 17.34 -18.62
CA GLU A 63 5.34 16.34 -19.16
C GLU A 63 3.87 16.62 -18.87
N PHE A 64 3.54 17.56 -17.97
CA PHE A 64 2.14 17.87 -17.67
C PHE A 64 1.73 19.26 -18.13
N GLN A 65 2.66 20.08 -18.53
CA GLN A 65 2.38 21.41 -19.05
C GLN A 65 1.28 21.34 -20.12
N GLY A 66 0.21 22.08 -19.89
CA GLY A 66 -0.91 22.09 -20.80
C GLY A 66 -2.05 21.18 -20.40
N ARG A 67 -1.80 20.30 -19.43
CA ARG A 67 -2.80 19.36 -18.94
C ARG A 67 -3.08 19.49 -17.45
N VAL A 68 -2.28 20.25 -16.68
CA VAL A 68 -2.43 20.31 -15.25
C VAL A 68 -2.64 21.74 -14.82
N THR A 69 -3.44 21.93 -13.80
CA THR A 69 -3.70 23.25 -13.22
C THR A 69 -3.59 23.09 -11.71
N MET A 70 -2.78 23.92 -11.05
CA MET A 70 -2.71 23.93 -9.60
C MET A 70 -3.27 25.26 -9.12
N THR A 71 -4.18 25.20 -8.16
CA THR A 71 -4.84 26.37 -7.62
C THR A 71 -4.92 26.25 -6.10
N GLU A 72 -5.25 27.36 -5.43
CA GLU A 72 -5.43 27.34 -3.99
C GLU A 72 -6.61 28.22 -3.60
N ASP A 73 -7.22 27.87 -2.45
CA ASP A 73 -8.19 28.69 -1.74
C ASP A 73 -7.64 28.99 -0.35
N THR A 74 -6.99 30.16 -0.19
CA THR A 74 -6.36 30.43 1.09
C THR A 74 -7.40 30.70 2.17
N SER A 75 -8.63 31.10 1.82
CA SER A 75 -9.65 31.24 2.84
C SER A 75 -9.95 29.90 3.52
N THR A 76 -9.75 28.79 2.81
CA THR A 76 -10.04 27.46 3.36
C THR A 76 -8.79 26.61 3.53
N ASP A 77 -7.61 27.20 3.30
CA ASP A 77 -6.33 26.48 3.38
C ASP A 77 -6.36 25.18 2.57
N THR A 78 -6.90 25.24 1.36
CA THR A 78 -7.02 24.05 0.53
C THR A 78 -6.34 24.32 -0.79
N ALA A 79 -5.53 23.37 -1.24
CA ALA A 79 -4.88 23.38 -2.53
C ALA A 79 -5.50 22.32 -3.42
N TYR A 80 -5.49 22.58 -4.72
CA TYR A 80 -6.12 21.73 -5.71
C TYR A 80 -5.19 21.48 -6.88
N MET A 81 -5.24 20.26 -7.40
CA MET A 81 -4.56 19.83 -8.62
C MET A 81 -5.61 19.25 -9.54
N GLU A 82 -5.74 19.83 -10.72
CA GLU A 82 -6.65 19.27 -11.74
C GLU A 82 -5.81 18.76 -12.92
N LEU A 83 -6.03 17.52 -13.34
CA LEU A 83 -5.31 16.87 -14.43
C LEU A 83 -6.30 16.45 -15.48
N SER A 84 -6.13 16.92 -16.72
CA SER A 84 -7.11 16.63 -17.74
C SER A 84 -6.56 15.67 -18.80
N SER A 85 -7.45 15.31 -19.74
CA SER A 85 -7.16 14.34 -20.76
C SER A 85 -6.50 13.10 -20.18
N LEU A 86 -7.20 12.47 -19.20
CA LEU A 86 -6.62 11.34 -18.51
C LEU A 86 -6.43 10.14 -19.42
N ARG A 87 -5.37 9.40 -19.16
CA ARG A 87 -5.04 8.17 -19.88
C ARG A 87 -4.59 7.10 -18.88
N SER A 88 -4.41 5.87 -19.40
CA SER A 88 -4.01 4.76 -18.52
C SER A 88 -2.80 5.09 -17.65
N GLU A 89 -1.82 5.76 -18.21
CA GLU A 89 -0.58 6.08 -17.53
C GLU A 89 -0.77 7.08 -16.39
N ASP A 90 -1.92 7.72 -16.29
CA ASP A 90 -2.22 8.57 -15.15
C ASP A 90 -2.83 7.84 -13.95
N THR A 91 -3.10 6.53 -14.02
CA THR A 91 -3.49 5.79 -12.84
C THR A 91 -2.32 5.78 -11.86
N ALA A 92 -2.55 6.31 -10.71
CA ALA A 92 -1.48 6.54 -9.73
C ALA A 92 -2.02 7.11 -8.46
N VAL A 93 -1.22 6.97 -7.39
CA VAL A 93 -1.45 7.69 -6.17
C VAL A 93 -0.87 9.09 -6.34
N TYR A 94 -1.70 10.11 -6.10
CA TYR A 94 -1.36 11.51 -6.15
C TYR A 94 -1.22 12.02 -4.74
N TYR A 95 0.01 12.47 -4.42
CA TYR A 95 0.35 13.08 -3.13
C TYR A 95 0.44 14.58 -3.26
N CYS A 96 -0.18 15.32 -2.37
CA CYS A 96 0.27 16.68 -2.16
C CYS A 96 1.46 16.60 -1.22
N THR A 97 2.42 17.48 -1.40
CA THR A 97 3.56 17.59 -0.50
C THR A 97 3.83 19.07 -0.23
N THR A 98 4.48 19.35 0.86
CA THR A 98 4.80 20.71 1.16
C THR A 98 6.09 20.79 1.94
N GLY A 99 6.71 21.92 1.80
CA GLY A 99 7.81 22.36 2.65
C GLY A 99 7.54 23.82 3.02
N PRO A 100 8.13 24.29 4.10
CA PRO A 100 7.98 25.71 4.46
C PRO A 100 8.59 26.57 3.38
N ALA A 101 7.86 27.63 2.98
CA ALA A 101 8.36 28.44 1.88
C ALA A 101 9.64 29.17 2.22
N VAL A 102 9.95 29.34 3.51
CA VAL A 102 11.20 29.94 3.93
C VAL A 102 12.40 29.05 3.59
N THR A 103 12.14 27.83 3.20
CA THR A 103 13.17 26.87 2.74
C THR A 103 12.97 26.64 1.23
N ASN A 104 13.93 25.96 0.63
CA ASN A 104 13.70 25.48 -0.71
C ASN A 104 13.13 24.09 -0.80
N ARG A 105 12.59 23.54 0.28
CA ARG A 105 12.30 22.12 0.31
C ARG A 105 10.86 21.92 -0.10
N PRO A 106 10.59 20.94 -0.92
CA PRO A 106 9.25 20.73 -1.44
C PRO A 106 8.37 19.74 -0.74
N ALA A 107 8.95 18.87 0.13
CA ALA A 107 8.22 17.65 0.51
C ALA A 107 8.68 17.22 1.92
N ASP A 108 8.80 18.17 2.84
CA ASP A 108 8.99 17.79 4.24
C ASP A 108 7.82 17.01 4.81
N TYR A 109 6.62 17.20 4.24
CA TYR A 109 5.37 16.59 4.66
C TYR A 109 4.64 16.09 3.44
N TRP A 110 4.21 14.85 3.49
CA TRP A 110 3.50 14.18 2.41
C TRP A 110 2.08 13.93 2.88
N GLY A 111 1.16 14.19 1.99
CA GLY A 111 -0.23 13.85 2.25
C GLY A 111 -0.43 12.34 2.25
N PRO A 112 -1.64 11.88 2.60
CA PRO A 112 -1.86 10.44 2.62
C PRO A 112 -2.02 9.82 1.22
N GLY A 113 -2.15 10.62 0.17
CA GLY A 113 -2.29 10.19 -1.18
C GLY A 113 -3.75 9.91 -1.53
N THR A 114 -4.04 10.02 -2.83
CA THR A 114 -5.35 9.79 -3.42
C THR A 114 -5.09 8.92 -4.66
N LEU A 115 -5.62 7.70 -4.65
CA LEU A 115 -5.49 6.78 -5.78
C LEU A 115 -6.57 7.16 -6.81
N VAL A 116 -6.11 7.57 -7.97
CA VAL A 116 -6.98 7.87 -9.12
C VAL A 116 -6.79 6.73 -10.09
N THR A 117 -7.85 6.00 -10.44
CA THR A 117 -7.85 4.92 -11.42
C THR A 117 -8.49 5.41 -12.71
N VAL A 118 -7.80 5.29 -13.81
CA VAL A 118 -8.31 5.68 -15.13
C VAL A 118 -8.85 4.45 -15.83
N SER A 119 -10.19 4.36 -15.97
CA SER A 119 -10.75 3.15 -16.53
C SER A 119 -12.10 3.47 -17.14
N SER A 120 -12.51 2.64 -18.08
CA SER A 120 -13.85 2.73 -18.63
C SER A 120 -14.87 1.98 -17.77
N ALA A 121 -14.42 1.23 -16.77
CA ALA A 121 -15.32 0.44 -15.95
C ALA A 121 -15.88 1.31 -14.84
N SER A 122 -17.12 1.04 -14.45
CA SER A 122 -17.76 1.84 -13.46
C SER A 122 -17.47 1.35 -12.05
N THR A 123 -17.64 2.29 -11.11
CA THR A 123 -17.52 2.05 -9.67
C THR A 123 -18.49 0.97 -9.24
N LYS A 124 -18.03 0.10 -8.34
CA LYS A 124 -18.90 -0.92 -7.71
C LYS A 124 -18.49 -1.02 -6.26
N GLY A 125 -19.48 -0.77 -5.34
CA GLY A 125 -19.23 -0.96 -3.92
C GLY A 125 -19.22 -2.43 -3.54
N PRO A 126 -18.60 -2.72 -2.40
CA PRO A 126 -18.40 -4.12 -2.01
C PRO A 126 -19.60 -4.79 -1.38
N SER A 127 -19.58 -6.09 -1.45
CA SER A 127 -20.43 -6.96 -0.67
C SER A 127 -19.58 -7.54 0.43
N VAL A 128 -19.96 -7.35 1.65
CA VAL A 128 -19.18 -7.77 2.81
C VAL A 128 -19.85 -8.99 3.49
N PHE A 129 -19.08 -10.07 3.72
CA PHE A 129 -19.51 -11.29 4.33
C PHE A 129 -18.67 -11.61 5.56
N PRO A 130 -19.26 -12.07 6.66
CA PRO A 130 -18.47 -12.46 7.84
C PRO A 130 -17.73 -13.75 7.62
N LEU A 131 -16.55 -13.84 8.22
CA LEU A 131 -15.71 -15.05 8.28
C LEU A 131 -15.74 -15.46 9.72
N ALA A 132 -16.67 -16.38 10.07
CA ALA A 132 -16.88 -16.62 11.46
C ALA A 132 -15.81 -17.50 12.10
N PRO A 133 -15.46 -17.24 13.37
CA PRO A 133 -14.58 -18.11 14.11
C PRO A 133 -15.22 -19.48 14.33
N SER A 134 -14.39 -20.50 14.36
CA SER A 134 -14.80 -21.88 14.62
C SER A 134 -13.63 -22.65 15.22
N SER A 135 -13.90 -23.88 15.61
CA SER A 135 -12.80 -24.82 16.02
C SER A 135 -11.67 -24.95 14.95
N LYS A 136 -11.88 -24.49 13.75
CA LYS A 136 -10.89 -24.67 12.70
C LYS A 136 -10.17 -23.37 12.47
N SER A 137 -10.59 -22.33 13.16
CA SER A 137 -9.80 -21.11 13.13
C SER A 137 -9.24 -20.74 14.50
N THR A 138 -9.33 -21.66 15.51
CA THR A 138 -8.84 -21.31 16.84
C THR A 138 -7.43 -21.82 17.04
N SER A 139 -6.70 -21.06 17.85
CA SER A 139 -5.32 -21.42 18.24
C SER A 139 -5.16 -21.41 19.74
N GLY A 140 -5.98 -22.20 20.43
CA GLY A 140 -5.94 -22.29 21.86
C GLY A 140 -6.59 -21.05 22.43
N GLY A 141 -5.78 -20.24 23.12
CA GLY A 141 -6.32 -19.05 23.76
C GLY A 141 -6.66 -17.91 22.84
N THR A 142 -6.34 -18.00 21.55
CA THR A 142 -6.79 -17.02 20.59
C THR A 142 -7.55 -17.65 19.44
N ALA A 143 -8.32 -16.80 18.75
CA ALA A 143 -9.11 -17.23 17.61
C ALA A 143 -9.09 -16.17 16.55
N ALA A 144 -9.17 -16.63 15.27
CA ALA A 144 -9.20 -15.78 14.12
C ALA A 144 -10.61 -15.63 13.58
N LEU A 145 -11.02 -14.43 13.30
CA LEU A 145 -12.30 -14.15 12.64
C LEU A 145 -12.05 -13.05 11.67
N GLY A 146 -12.94 -12.94 10.72
CA GLY A 146 -12.65 -12.00 9.65
C GLY A 146 -13.83 -11.47 8.91
N CYS A 147 -13.54 -10.72 7.87
CA CYS A 147 -14.53 -10.20 6.91
CA CYS A 147 -14.56 -10.37 6.91
C CYS A 147 -13.97 -10.40 5.52
N LEU A 148 -14.85 -10.81 4.60
CA LEU A 148 -14.60 -10.96 3.19
C LEU A 148 -15.24 -9.80 2.45
N VAL A 149 -14.46 -8.99 1.80
CA VAL A 149 -14.89 -7.76 1.10
C VAL A 149 -14.87 -8.07 -0.38
N LYS A 150 -16.01 -8.41 -0.97
CA LYS A 150 -16.12 -9.03 -2.29
C LYS A 150 -16.53 -8.03 -3.35
N ASP A 151 -15.90 -8.15 -4.52
CA ASP A 151 -16.39 -7.61 -5.77
C ASP A 151 -16.60 -6.10 -5.74
N TYR A 152 -15.50 -5.41 -5.56
CA TYR A 152 -15.52 -3.95 -5.63
C TYR A 152 -14.56 -3.42 -6.68
N PHE A 153 -14.82 -2.16 -7.05
CA PHE A 153 -13.98 -1.48 -8.02
C PHE A 153 -14.17 0.02 -7.92
N PRO A 154 -13.13 0.84 -8.04
CA PRO A 154 -11.68 0.54 -8.09
C PRO A 154 -11.16 0.32 -6.69
N GLU A 155 -9.84 0.13 -6.56
CA GLU A 155 -9.20 0.20 -5.27
CA GLU A 155 -9.23 0.20 -5.26
C GLU A 155 -9.24 1.64 -4.73
N PRO A 156 -9.03 1.84 -3.44
CA PRO A 156 -8.81 0.90 -2.36
C PRO A 156 -10.02 0.77 -1.47
N VAL A 157 -9.92 -0.31 -0.64
CA VAL A 157 -10.76 -0.56 0.54
C VAL A 157 -9.82 -0.52 1.73
N THR A 158 -10.33 0.11 2.83
CA THR A 158 -9.68 0.00 4.13
C THR A 158 -10.62 -0.68 5.11
N VAL A 159 -10.06 -1.35 6.11
CA VAL A 159 -10.80 -2.08 7.14
C VAL A 159 -10.23 -1.78 8.51
N SER A 160 -11.11 -1.49 9.43
CA SER A 160 -10.76 -1.45 10.83
C SER A 160 -11.71 -2.38 11.56
N TRP A 161 -11.40 -2.61 12.80
CA TRP A 161 -12.18 -3.53 13.67
C TRP A 161 -12.65 -2.79 14.91
N ASN A 162 -13.95 -2.85 15.19
CA ASN A 162 -14.52 -2.28 16.42
C ASN A 162 -14.16 -0.80 16.50
N SER A 163 -14.23 -0.13 15.31
CA SER A 163 -13.97 1.33 15.22
C SER A 163 -12.53 1.69 15.59
N GLY A 164 -11.61 0.79 15.45
CA GLY A 164 -10.25 1.00 15.80
C GLY A 164 -9.91 0.65 17.24
N ALA A 165 -10.87 0.14 17.97
CA ALA A 165 -10.61 -0.29 19.32
C ALA A 165 -9.87 -1.65 19.35
N LEU A 166 -9.81 -2.35 18.20
CA LEU A 166 -8.97 -3.52 18.08
C LEU A 166 -7.93 -3.23 17.01
N THR A 167 -6.71 -3.27 17.39
CA THR A 167 -5.61 -3.00 16.47
C THR A 167 -4.55 -4.06 16.51
N SER A 168 -4.24 -4.57 17.70
CA SER A 168 -3.24 -5.65 17.79
C SER A 168 -3.75 -6.92 17.10
N GLY A 169 -2.92 -7.53 16.30
CA GLY A 169 -3.56 -8.71 15.74
C GLY A 169 -4.65 -8.48 14.69
N VAL A 170 -4.85 -7.26 14.18
CA VAL A 170 -5.54 -7.05 12.88
C VAL A 170 -4.58 -7.30 11.74
N HIS A 171 -5.06 -7.97 10.69
CA HIS A 171 -4.32 -8.06 9.43
C HIS A 171 -5.27 -8.00 8.26
N THR A 172 -5.17 -6.92 7.49
CA THR A 172 -5.95 -6.69 6.27
C THR A 172 -5.02 -7.04 5.10
N PHE A 173 -5.44 -7.94 4.26
CA PHE A 173 -4.60 -8.46 3.25
C PHE A 173 -4.75 -7.66 1.94
N PRO A 174 -3.71 -7.60 1.13
CA PRO A 174 -3.86 -7.03 -0.22
C PRO A 174 -4.91 -7.74 -1.05
N ALA A 175 -5.53 -6.99 -1.92
CA ALA A 175 -6.64 -7.50 -2.70
C ALA A 175 -6.18 -8.40 -3.82
N VAL A 176 -7.06 -9.35 -4.16
CA VAL A 176 -6.97 -10.12 -5.40
C VAL A 176 -7.76 -9.41 -6.52
N LEU A 177 -7.27 -9.50 -7.76
CA LEU A 177 -8.00 -9.05 -8.94
C LEU A 177 -8.58 -10.27 -9.57
N GLN A 178 -9.91 -10.33 -9.66
CA GLN A 178 -10.59 -11.53 -10.12
C GLN A 178 -10.82 -11.49 -11.62
N SER A 179 -11.24 -12.64 -12.17
CA SER A 179 -11.41 -12.74 -13.61
C SER A 179 -12.43 -11.75 -14.14
N SER A 180 -13.38 -11.34 -13.31
CA SER A 180 -14.41 -10.34 -13.61
C SER A 180 -13.87 -8.93 -13.75
N GLY A 181 -12.62 -8.69 -13.41
CA GLY A 181 -12.09 -7.34 -13.33
C GLY A 181 -12.45 -6.61 -12.06
N LEU A 182 -13.07 -7.28 -11.06
CA LEU A 182 -13.39 -6.72 -9.77
C LEU A 182 -12.39 -7.23 -8.74
N TYR A 183 -12.19 -6.48 -7.68
CA TYR A 183 -11.30 -6.84 -6.59
C TYR A 183 -12.08 -7.47 -5.45
N SER A 184 -11.35 -8.27 -4.65
CA SER A 184 -11.81 -8.73 -3.36
C SER A 184 -10.64 -8.69 -2.38
N LEU A 185 -10.92 -8.48 -1.09
CA LEU A 185 -9.88 -8.62 -0.07
C LEU A 185 -10.51 -9.17 1.17
N SER A 186 -9.67 -9.61 2.10
CA SER A 186 -10.09 -10.03 3.41
C SER A 186 -9.30 -9.36 4.50
N SER A 187 -9.92 -9.31 5.69
CA SER A 187 -9.30 -8.78 6.89
C SER A 187 -9.61 -9.78 7.99
N VAL A 188 -8.61 -10.02 8.81
CA VAL A 188 -8.76 -10.91 9.95
C VAL A 188 -8.25 -10.21 11.20
N VAL A 189 -8.86 -10.60 12.31
CA VAL A 189 -8.44 -10.15 13.63
C VAL A 189 -8.36 -11.38 14.52
N THR A 190 -7.29 -11.42 15.32
CA THR A 190 -7.21 -12.48 16.33
C THR A 190 -7.63 -11.90 17.67
N VAL A 191 -8.48 -12.64 18.33
CA VAL A 191 -9.14 -12.25 19.57
C VAL A 191 -9.07 -13.35 20.60
N PRO A 192 -9.37 -13.10 21.86
CA PRO A 192 -9.34 -14.20 22.83
C PRO A 192 -10.44 -15.19 22.50
N SER A 193 -10.11 -16.49 22.55
CA SER A 193 -11.14 -17.48 22.25
C SER A 193 -12.19 -17.59 23.35
N SER A 194 -11.83 -17.31 24.61
CA SER A 194 -12.79 -17.34 25.71
C SER A 194 -13.93 -16.34 25.51
N SER A 195 -13.65 -15.24 24.81
CA SER A 195 -14.54 -14.09 24.61
C SER A 195 -15.74 -14.38 23.72
N LEU A 196 -15.70 -15.40 22.89
CA LEU A 196 -16.52 -15.36 21.67
C LEU A 196 -18.02 -15.37 21.96
N GLY A 197 -18.43 -15.88 23.11
CA GLY A 197 -19.85 -15.91 23.41
C GLY A 197 -20.44 -14.54 23.70
N THR A 198 -19.63 -13.63 24.21
CA THR A 198 -20.11 -12.42 24.87
C THR A 198 -19.64 -11.14 24.20
N GLN A 199 -18.59 -11.18 23.42
CA GLN A 199 -18.02 -10.00 22.83
C GLN A 199 -18.57 -9.76 21.42
N THR A 200 -18.78 -8.51 21.07
CA THR A 200 -19.24 -8.12 19.72
C THR A 200 -18.05 -7.75 18.87
N TYR A 201 -17.95 -8.32 17.68
CA TYR A 201 -16.92 -7.95 16.76
C TYR A 201 -17.50 -7.47 15.46
N ILE A 202 -17.03 -6.30 15.03
CA ILE A 202 -17.56 -5.57 13.88
C ILE A 202 -16.41 -5.19 12.98
N CYS A 203 -16.43 -5.59 11.72
CA CYS A 203 -15.47 -5.03 10.76
C CYS A 203 -16.04 -3.82 10.09
N ASN A 204 -15.27 -2.78 10.09
CA ASN A 204 -15.63 -1.49 9.54
C ASN A 204 -14.94 -1.31 8.19
N VAL A 205 -15.68 -1.50 7.09
CA VAL A 205 -15.17 -1.44 5.72
C VAL A 205 -15.49 -0.10 5.11
N ASN A 206 -14.50 0.53 4.54
CA ASN A 206 -14.59 1.82 3.86
C ASN A 206 -14.17 1.66 2.40
N HIS A 207 -15.10 1.95 1.46
CA HIS A 207 -14.83 2.02 0.01
C HIS A 207 -15.14 3.44 -0.47
N LYS A 208 -14.14 4.31 -0.35
CA LYS A 208 -14.32 5.73 -0.68
C LYS A 208 -14.74 5.96 -2.14
N PRO A 209 -14.27 5.23 -3.13
CA PRO A 209 -14.72 5.49 -4.49
C PRO A 209 -16.19 5.37 -4.69
N SER A 210 -16.95 4.55 -3.89
CA SER A 210 -18.41 4.40 -3.96
C SER A 210 -19.14 5.11 -2.84
N ASN A 211 -18.40 5.85 -2.01
CA ASN A 211 -18.99 6.55 -0.84
C ASN A 211 -19.77 5.52 0.03
N THR A 212 -19.22 4.33 0.17
CA THR A 212 -19.84 3.26 0.94
C THR A 212 -18.99 2.93 2.17
N LYS A 213 -19.65 2.76 3.30
CA LYS A 213 -19.07 2.14 4.50
C LYS A 213 -20.02 1.04 4.95
N VAL A 214 -19.45 -0.07 5.35
CA VAL A 214 -20.21 -1.17 5.89
C VAL A 214 -19.63 -1.58 7.24
N ASP A 215 -20.48 -1.68 8.26
CA ASP A 215 -20.09 -2.26 9.57
C ASP A 215 -20.73 -3.62 9.67
N LYS A 216 -19.95 -4.67 9.51
CA LYS A 216 -20.46 -6.03 9.47
C LYS A 216 -20.17 -6.74 10.80
N ARG A 217 -21.23 -7.13 11.49
CA ARG A 217 -21.11 -7.94 12.72
C ARG A 217 -20.67 -9.36 12.35
N VAL A 218 -19.66 -9.85 13.06
CA VAL A 218 -19.16 -11.21 12.86
C VAL A 218 -19.43 -12.00 14.12
N GLU A 219 -20.30 -13.01 14.01
CA GLU A 219 -20.79 -13.84 15.10
C GLU A 219 -20.21 -15.24 14.99
N PRO A 220 -20.14 -15.97 16.10
CA PRO A 220 -19.60 -17.33 16.03
C PRO A 220 -20.48 -18.19 15.17
N LYS A 221 -19.82 -19.17 14.54
CA LYS A 221 -20.51 -20.14 13.73
C LYS A 221 -21.47 -20.90 14.62
N SER A 222 -22.71 -21.06 14.15
CA SER A 222 -23.67 -21.94 14.79
C SER A 222 -24.33 -22.93 13.80
N GLN B 1 15.86 5.97 -16.95
CA GLN B 1 14.51 6.62 -17.02
C GLN B 1 14.49 7.90 -16.23
N SER B 2 14.98 7.79 -15.00
CA SER B 2 14.96 8.86 -14.02
C SER B 2 16.06 9.86 -14.34
N VAL B 3 15.84 11.13 -13.98
CA VAL B 3 16.89 12.15 -14.23
C VAL B 3 18.10 11.87 -13.34
N LEU B 4 17.87 11.49 -12.10
CA LEU B 4 18.92 11.02 -11.22
C LEU B 4 18.96 9.48 -11.21
N THR B 5 20.15 8.90 -11.18
CA THR B 5 20.31 7.46 -11.32
C THR B 5 20.76 6.82 -10.01
N GLN B 6 20.04 5.82 -9.54
CA GLN B 6 20.29 5.01 -8.38
C GLN B 6 20.37 3.57 -8.75
N PRO B 7 21.07 2.78 -7.94
CA PRO B 7 21.03 1.31 -8.16
C PRO B 7 19.63 0.81 -7.92
N PRO B 8 19.13 -0.16 -8.68
CA PRO B 8 17.79 -0.72 -8.34
C PRO B 8 17.71 -1.38 -7.02
N SER B 9 18.79 -2.00 -6.56
CA SER B 9 18.75 -2.75 -5.32
C SER B 9 20.09 -2.65 -4.62
N VAL B 10 20.05 -2.66 -3.31
CA VAL B 10 21.23 -2.79 -2.46
CA VAL B 10 21.22 -2.77 -2.45
C VAL B 10 20.87 -3.79 -1.37
N SER B 11 21.87 -4.47 -0.82
CA SER B 11 21.68 -5.40 0.27
C SER B 11 22.84 -5.31 1.26
N GLY B 12 22.57 -5.70 2.51
CA GLY B 12 23.64 -5.91 3.48
C GLY B 12 23.07 -6.77 4.59
N ALA B 13 24.00 -7.22 5.51
CA ALA B 13 23.63 -7.99 6.69
C ALA B 13 23.44 -7.10 7.86
N PRO B 14 22.71 -7.54 8.89
CA PRO B 14 22.51 -6.66 10.04
C PRO B 14 23.86 -6.25 10.61
N GLY B 15 23.93 -5.00 11.02
CA GLY B 15 25.11 -4.40 11.62
C GLY B 15 26.07 -3.83 10.64
N GLN B 16 25.91 -4.10 9.35
CA GLN B 16 26.88 -3.64 8.39
C GLN B 16 26.50 -2.24 7.90
N ARG B 17 27.41 -1.64 7.17
CA ARG B 17 27.18 -0.35 6.54
C ARG B 17 26.87 -0.55 5.06
N VAL B 18 25.82 0.08 4.57
CA VAL B 18 25.53 0.04 3.14
C VAL B 18 25.39 1.47 2.61
N THR B 19 25.69 1.63 1.37
CA THR B 19 25.57 2.90 0.70
C THR B 19 24.68 2.77 -0.52
N ILE B 20 23.98 3.88 -0.79
CA ILE B 20 23.12 4.04 -1.94
C ILE B 20 23.57 5.28 -2.70
N SER B 21 24.04 5.07 -3.94
CA SER B 21 24.42 6.21 -4.75
C SER B 21 23.27 6.84 -5.53
N CYS B 22 23.55 8.10 -5.94
CA CYS B 22 22.58 8.93 -6.64
C CYS B 22 23.39 9.83 -7.54
N THR B 23 23.41 9.53 -8.83
CA THR B 23 24.26 10.29 -9.77
C THR B 23 23.42 11.21 -10.63
N GLY B 24 23.93 12.43 -10.82
CA GLY B 24 23.19 13.37 -11.64
C GLY B 24 24.09 14.03 -12.67
N SER B 25 24.00 15.37 -12.84
CA SER B 25 24.62 16.08 -13.94
C SER B 25 25.00 17.48 -13.48
N SER B 26 25.66 18.20 -14.39
CA SER B 26 25.98 19.63 -14.15
C SER B 26 24.76 20.54 -14.11
N SER B 27 23.57 20.06 -14.40
CA SER B 27 22.38 20.88 -14.29
C SER B 27 21.55 20.58 -13.03
N ASN B 28 21.97 19.61 -12.20
CA ASN B 28 21.31 19.39 -10.92
C ASN B 28 22.27 19.31 -9.77
N ILE B 29 22.78 18.11 -9.44
CA ILE B 29 23.64 17.98 -8.27
C ILE B 29 24.94 18.73 -8.49
N GLY B 30 25.43 18.68 -9.73
CA GLY B 30 26.66 19.35 -10.08
C GLY B 30 26.55 20.85 -10.20
N ALA B 31 25.33 21.38 -10.26
CA ALA B 31 25.07 22.81 -10.19
C ALA B 31 25.02 23.30 -8.75
N SER B 32 25.33 22.43 -7.81
CA SER B 32 25.37 22.67 -6.37
C SER B 32 23.99 22.78 -5.71
N TYR B 33 22.91 22.34 -6.38
CA TYR B 33 21.60 22.22 -5.75
C TYR B 33 21.60 21.10 -4.73
N ASP B 34 20.84 21.32 -3.66
CA ASP B 34 20.73 20.35 -2.56
C ASP B 34 20.15 19.04 -3.02
N VAL B 35 20.48 17.99 -2.28
CA VAL B 35 19.95 16.67 -2.44
C VAL B 35 19.25 16.28 -1.16
N HIS B 36 18.01 15.81 -1.27
CA HIS B 36 17.27 15.28 -0.13
C HIS B 36 16.98 13.81 -0.42
N TRP B 37 16.67 13.05 0.59
CA TRP B 37 16.38 11.64 0.47
C TRP B 37 15.09 11.34 1.20
N TYR B 38 14.34 10.41 0.63
CA TYR B 38 13.04 9.95 1.15
C TYR B 38 13.08 8.43 1.32
N GLN B 39 12.43 7.94 2.38
CA GLN B 39 12.28 6.54 2.68
C GLN B 39 10.81 6.18 2.51
N GLN B 40 10.58 5.10 1.78
CA GLN B 40 9.24 4.56 1.61
C GLN B 40 9.21 3.13 2.11
N LEU B 41 8.67 2.96 3.31
CA LEU B 41 8.51 1.65 3.90
C LEU B 41 7.36 0.93 3.23
N PRO B 42 7.42 -0.43 3.25
CA PRO B 42 6.36 -1.23 2.62
C PRO B 42 4.98 -0.77 3.04
N GLY B 43 4.19 -0.37 2.06
CA GLY B 43 2.82 -0.02 2.31
C GLY B 43 2.54 1.39 2.76
N THR B 44 3.53 2.27 2.77
CA THR B 44 3.41 3.62 3.31
C THR B 44 3.71 4.64 2.22
N ALA B 45 3.39 5.92 2.51
CA ALA B 45 3.83 7.09 1.76
C ALA B 45 5.33 7.36 1.97
N PRO B 46 5.99 7.99 1.03
CA PRO B 46 7.35 8.44 1.29
C PRO B 46 7.37 9.41 2.45
N LYS B 47 8.52 9.46 3.14
CA LYS B 47 8.78 10.43 4.18
C LYS B 47 10.24 10.91 4.12
N LEU B 48 10.41 12.17 4.45
CA LEU B 48 11.73 12.79 4.44
C LEU B 48 12.68 12.07 5.40
N LEU B 49 13.86 11.76 4.87
CA LEU B 49 14.87 11.00 5.63
C LEU B 49 16.14 11.80 5.89
N ILE B 50 16.66 12.50 4.84
CA ILE B 50 17.83 13.35 4.92
C ILE B 50 17.44 14.62 4.16
N TYR B 51 17.84 15.78 4.67
CA TYR B 51 17.61 17.00 3.93
C TYR B 51 18.92 17.78 3.80
N ALA B 52 19.00 18.57 2.72
CA ALA B 52 20.13 19.45 2.41
C ALA B 52 21.44 18.70 2.55
N ASN B 53 21.47 17.58 1.83
CA ASN B 53 22.60 16.68 1.57
C ASN B 53 22.97 15.80 2.75
N SER B 54 22.93 16.34 3.97
CA SER B 54 23.54 15.60 5.08
C SER B 54 22.81 15.70 6.39
N ASN B 55 21.68 16.35 6.45
CA ASN B 55 21.02 16.61 7.73
C ASN B 55 19.87 15.67 8.04
N ARG B 56 19.75 15.28 9.29
CA ARG B 56 18.64 14.44 9.71
C ARG B 56 17.48 15.27 10.26
N PRO B 57 16.26 15.05 9.75
CA PRO B 57 15.08 15.60 10.42
C PRO B 57 14.91 14.96 11.78
N SER B 58 14.14 15.65 12.61
CA SER B 58 13.93 15.12 13.93
C SER B 58 13.18 13.83 13.79
N GLY B 59 13.68 12.87 14.49
CA GLY B 59 13.16 11.54 14.56
C GLY B 59 14.00 10.53 13.78
N VAL B 60 14.77 10.95 12.80
CA VAL B 60 15.55 10.00 12.01
C VAL B 60 16.78 9.54 12.78
N PRO B 61 17.06 8.25 12.89
CA PRO B 61 18.23 7.84 13.66
C PRO B 61 19.58 8.27 13.06
N ASP B 62 20.63 8.41 13.94
CA ASP B 62 21.93 8.80 13.41
C ASP B 62 22.62 7.71 12.61
N ARG B 63 22.03 6.50 12.47
CA ARG B 63 22.58 5.54 11.54
C ARG B 63 22.47 6.00 10.09
N PHE B 64 21.58 6.96 9.78
CA PHE B 64 21.41 7.46 8.44
C PHE B 64 22.22 8.74 8.28
N SER B 65 23.04 8.79 7.24
CA SER B 65 23.80 9.98 6.92
C SER B 65 23.82 10.20 5.42
N GLY B 66 24.18 11.39 5.02
CA GLY B 66 24.28 11.65 3.59
C GLY B 66 25.48 12.51 3.26
N SER B 67 25.89 12.40 2.01
CA SER B 67 26.98 13.24 1.51
C SER B 67 26.76 13.54 0.03
N LYS B 68 27.54 14.54 -0.49
CA LYS B 68 27.50 14.94 -1.89
C LYS B 68 28.91 15.33 -2.30
N SER B 69 29.27 14.99 -3.51
CA SER B 69 30.56 15.43 -4.07
C SER B 69 30.40 15.47 -5.58
N GLY B 70 30.65 16.62 -6.21
CA GLY B 70 30.63 16.64 -7.67
C GLY B 70 29.21 16.50 -8.16
N THR B 71 29.00 15.54 -9.05
CA THR B 71 27.66 15.28 -9.56
C THR B 71 26.99 14.12 -8.86
N SER B 72 27.55 13.63 -7.76
CA SER B 72 26.95 12.48 -7.09
C SER B 72 26.60 12.76 -5.63
N ALA B 73 25.61 12.03 -5.13
CA ALA B 73 25.28 12.04 -3.73
C ALA B 73 25.18 10.59 -3.25
N SER B 74 25.30 10.40 -1.94
CA SER B 74 25.24 9.07 -1.38
C SER B 74 24.52 9.08 -0.05
N LEU B 75 23.71 8.06 0.17
CA LEU B 75 23.07 7.79 1.46
C LEU B 75 23.82 6.63 2.10
N ALA B 76 24.24 6.80 3.33
CA ALA B 76 24.87 5.71 4.08
C ALA B 76 24.00 5.31 5.26
N ILE B 77 23.87 4.00 5.48
CA ILE B 77 23.23 3.46 6.65
C ILE B 77 24.19 2.58 7.39
N THR B 78 24.52 2.97 8.61
CA THR B 78 25.33 2.05 9.41
C THR B 78 24.45 1.17 10.27
N GLY B 79 25.08 0.17 10.82
CA GLY B 79 24.37 -0.58 11.80
C GLY B 79 23.03 -0.99 11.27
N LEU B 80 23.06 -1.53 10.06
CA LEU B 80 21.84 -1.88 9.33
C LEU B 80 20.94 -2.78 10.14
N GLN B 81 19.65 -2.44 10.12
CA GLN B 81 18.63 -3.11 10.93
C GLN B 81 17.52 -3.59 9.99
N ALA B 82 16.84 -4.65 10.40
CA ALA B 82 15.84 -5.25 9.54
C ALA B 82 14.72 -4.23 9.24
N GLU B 83 14.48 -3.30 10.15
CA GLU B 83 13.43 -2.32 9.91
C GLU B 83 13.79 -1.31 8.82
N ASP B 84 15.03 -1.30 8.36
CA ASP B 84 15.45 -0.42 7.28
C ASP B 84 15.10 -0.93 5.90
N GLU B 85 14.55 -2.17 5.75
CA GLU B 85 14.06 -2.63 4.45
C GLU B 85 12.99 -1.67 3.98
N ALA B 86 13.22 -1.10 2.79
CA ALA B 86 12.42 0.00 2.28
C ALA B 86 12.93 0.35 0.88
N ASP B 87 12.18 1.22 0.18
CA ASP B 87 12.60 1.94 -1.02
C ASP B 87 13.09 3.33 -0.63
N TYR B 88 14.21 3.70 -1.15
CA TYR B 88 14.87 4.96 -0.90
C TYR B 88 15.00 5.75 -2.19
N TYR B 89 14.66 7.03 -2.13
CA TYR B 89 14.68 7.92 -3.30
C TYR B 89 15.47 9.15 -3.00
N CYS B 90 16.37 9.50 -3.91
CA CYS B 90 17.02 10.77 -3.90
C CYS B 90 16.19 11.77 -4.66
N GLN B 91 16.44 13.04 -4.32
CA GLN B 91 15.73 14.16 -4.94
C GLN B 91 16.59 15.40 -5.01
N SER B 92 16.57 16.11 -6.12
CA SER B 92 17.26 17.39 -6.24
C SER B 92 16.44 18.30 -7.13
N TYR B 93 17.09 19.26 -7.76
CA TYR B 93 16.48 20.27 -8.58
C TYR B 93 17.31 20.35 -9.85
N ASP B 94 16.67 20.71 -10.96
CA ASP B 94 17.36 20.71 -12.25
C ASP B 94 16.95 21.96 -13.03
N SER B 95 17.93 22.72 -13.46
CA SER B 95 17.75 24.02 -14.10
C SER B 95 17.82 23.94 -15.62
N SER B 96 17.69 22.73 -16.20
CA SER B 96 17.87 22.61 -17.64
C SER B 96 16.86 23.43 -18.44
N LEU B 97 15.64 23.60 -17.92
CA LEU B 97 14.69 24.45 -18.62
C LEU B 97 14.14 25.55 -17.74
N SER B 98 13.70 25.21 -16.56
CA SER B 98 13.15 26.16 -15.63
C SER B 98 13.48 25.59 -14.26
N TYR B 99 12.76 26.05 -13.26
CA TYR B 99 12.71 25.31 -12.00
C TYR B 99 12.13 23.93 -12.23
N SER B 100 12.71 22.93 -11.56
CA SER B 100 12.11 21.59 -11.55
C SER B 100 12.60 20.84 -10.32
N VAL B 101 11.74 20.00 -9.75
CA VAL B 101 12.13 18.97 -8.80
C VAL B 101 12.31 17.68 -9.59
N VAL B 102 13.45 17.02 -9.36
CA VAL B 102 13.77 15.74 -10.00
C VAL B 102 14.05 14.68 -8.95
N PHE B 103 13.65 13.44 -9.31
CA PHE B 103 13.83 12.27 -8.43
C PHE B 103 14.75 11.24 -9.06
N GLY B 104 15.45 10.48 -8.19
CA GLY B 104 16.03 9.24 -8.60
C GLY B 104 14.96 8.18 -8.84
N GLY B 105 15.35 7.07 -9.45
CA GLY B 105 14.41 5.99 -9.73
C GLY B 105 14.05 5.07 -8.54
N GLY B 106 14.70 5.25 -7.44
CA GLY B 106 14.50 4.45 -6.24
C GLY B 106 15.47 3.28 -6.16
N THR B 107 15.75 2.88 -4.92
CA THR B 107 16.56 1.72 -4.58
C THR B 107 15.81 0.88 -3.54
N LYS B 108 15.60 -0.38 -3.83
CA LYS B 108 15.04 -1.35 -2.87
CA LYS B 108 15.06 -1.35 -2.87
C LYS B 108 16.18 -1.92 -2.03
N LEU B 109 16.11 -1.73 -0.72
CA LEU B 109 17.10 -2.27 0.20
C LEU B 109 16.61 -3.57 0.83
N THR B 110 17.41 -4.62 0.71
CA THR B 110 17.21 -5.90 1.36
C THR B 110 18.17 -6.11 2.49
N VAL B 111 17.67 -6.58 3.63
CA VAL B 111 18.53 -6.92 4.74
C VAL B 111 18.71 -8.44 4.67
N LEU B 112 19.96 -8.90 4.46
CA LEU B 112 20.29 -10.31 4.32
C LEU B 112 20.27 -11.04 5.66
N GLY B 113 20.29 -12.35 5.57
CA GLY B 113 20.39 -13.18 6.74
C GLY B 113 19.16 -13.27 7.62
N GLN B 114 17.99 -12.85 7.15
CA GLN B 114 16.83 -12.94 8.01
C GLN B 114 16.38 -14.41 8.14
N PRO B 115 15.91 -14.80 9.32
CA PRO B 115 15.53 -16.21 9.53
C PRO B 115 14.34 -16.62 8.68
N LYS B 116 14.36 -17.88 8.19
CA LYS B 116 13.16 -18.44 7.61
C LYS B 116 12.02 -18.43 8.63
N ALA B 117 10.80 -18.23 8.15
CA ALA B 117 9.61 -18.25 9.00
C ALA B 117 8.51 -18.98 8.25
N ALA B 118 7.89 -19.92 8.91
CA ALA B 118 6.88 -20.72 8.25
C ALA B 118 5.55 -19.98 8.21
N PRO B 119 4.71 -20.23 7.21
CA PRO B 119 3.46 -19.48 7.11
C PRO B 119 2.45 -19.88 8.18
N SER B 120 1.67 -18.91 8.61
CA SER B 120 0.44 -19.12 9.36
C SER B 120 -0.69 -19.13 8.35
N VAL B 121 -1.46 -20.20 8.33
CA VAL B 121 -2.54 -20.40 7.35
C VAL B 121 -3.88 -20.56 8.06
N THR B 122 -4.88 -19.76 7.63
CA THR B 122 -6.26 -19.87 8.09
C THR B 122 -7.15 -20.03 6.87
N LEU B 123 -8.03 -20.99 6.89
CA LEU B 123 -8.95 -21.31 5.78
C LEU B 123 -10.38 -21.19 6.28
N PHE B 124 -11.16 -20.32 5.65
CA PHE B 124 -12.53 -20.16 5.99
C PHE B 124 -13.43 -20.74 4.90
N PRO B 125 -14.50 -21.40 5.29
CA PRO B 125 -15.51 -21.89 4.36
C PRO B 125 -16.41 -20.73 3.93
N PRO B 126 -17.27 -20.96 2.94
CA PRO B 126 -18.28 -19.97 2.59
C PRO B 126 -19.14 -19.62 3.79
N SER B 127 -19.47 -18.34 3.92
CA SER B 127 -20.45 -17.91 4.91
C SER B 127 -21.89 -18.29 4.52
N SER B 128 -22.72 -18.47 5.54
CA SER B 128 -24.14 -18.78 5.29
C SER B 128 -24.75 -17.67 4.48
N GLU B 129 -24.39 -16.42 4.78
CA GLU B 129 -24.94 -15.29 4.03
C GLU B 129 -24.59 -15.36 2.54
N GLU B 130 -23.36 -15.72 2.22
CA GLU B 130 -22.94 -15.79 0.82
C GLU B 130 -23.63 -16.95 0.09
N LEU B 131 -23.74 -18.09 0.76
CA LEU B 131 -24.42 -19.26 0.16
C LEU B 131 -25.86 -18.91 -0.17
N GLN B 132 -26.49 -18.19 0.75
CA GLN B 132 -27.89 -17.83 0.52
C GLN B 132 -28.05 -16.85 -0.62
N ALA B 133 -27.01 -16.15 -0.98
CA ALA B 133 -26.93 -15.31 -2.16
C ALA B 133 -26.49 -16.08 -3.39
N ASN B 134 -26.47 -17.42 -3.30
CA ASN B 134 -26.14 -18.30 -4.43
C ASN B 134 -24.71 -18.16 -4.93
N LYS B 135 -23.76 -17.92 -3.98
CA LYS B 135 -22.34 -17.85 -4.27
C LYS B 135 -21.59 -18.61 -3.19
N ALA B 136 -20.34 -18.91 -3.48
CA ALA B 136 -19.54 -19.58 -2.47
C ALA B 136 -18.08 -19.23 -2.72
N THR B 137 -17.41 -18.74 -1.67
CA THR B 137 -15.98 -18.47 -1.74
C THR B 137 -15.26 -19.08 -0.55
N LEU B 138 -14.26 -19.93 -0.83
CA LEU B 138 -13.31 -20.40 0.18
CA LEU B 138 -13.31 -20.38 0.19
C LEU B 138 -12.15 -19.41 0.27
N VAL B 139 -11.76 -19.09 1.47
CA VAL B 139 -10.76 -18.03 1.66
C VAL B 139 -9.56 -18.57 2.44
N CYS B 140 -8.39 -18.59 1.80
CA CYS B 140 -7.15 -19.11 2.39
C CYS B 140 -6.21 -17.91 2.63
N LEU B 141 -5.94 -17.63 3.87
CA LEU B 141 -5.14 -16.48 4.28
C LEU B 141 -3.78 -16.95 4.80
N ILE B 142 -2.71 -16.38 4.28
CA ILE B 142 -1.35 -16.86 4.50
C ILE B 142 -0.47 -15.74 4.94
N SER B 143 0.09 -15.84 6.12
CA SER B 143 0.83 -14.68 6.65
C SER B 143 2.09 -15.08 7.41
N ASP B 144 2.94 -14.07 7.62
CA ASP B 144 4.13 -14.16 8.44
C ASP B 144 5.11 -15.21 7.97
N PHE B 145 5.26 -15.34 6.66
CA PHE B 145 6.31 -16.23 6.11
C PHE B 145 7.49 -15.43 5.58
N TYR B 146 8.65 -16.08 5.61
CA TYR B 146 9.86 -15.54 5.10
C TYR B 146 10.79 -16.65 4.67
N PRO B 147 11.38 -16.58 3.45
CA PRO B 147 11.28 -15.56 2.40
C PRO B 147 9.97 -15.61 1.68
N GLY B 148 9.83 -14.69 0.69
CA GLY B 148 8.53 -14.42 0.09
C GLY B 148 7.97 -15.45 -0.89
N ALA B 149 8.67 -16.49 -1.23
CA ALA B 149 8.19 -17.42 -2.25
C ALA B 149 7.30 -18.44 -1.56
N VAL B 150 6.11 -18.62 -2.09
CA VAL B 150 5.15 -19.60 -1.58
C VAL B 150 4.39 -20.14 -2.78
N THR B 151 4.04 -21.40 -2.74
CA THR B 151 3.17 -22.06 -3.70
C THR B 151 1.88 -22.45 -2.98
N VAL B 152 0.74 -22.26 -3.66
CA VAL B 152 -0.57 -22.59 -3.12
C VAL B 152 -1.25 -23.57 -4.08
N ALA B 153 -1.79 -24.65 -3.53
CA ALA B 153 -2.53 -25.65 -4.26
C ALA B 153 -3.82 -25.92 -3.50
N TRP B 154 -4.84 -26.27 -4.25
CA TRP B 154 -6.11 -26.64 -3.65
C TRP B 154 -6.50 -28.05 -4.06
N LYS B 155 -7.26 -28.70 -3.18
CA LYS B 155 -7.81 -30.03 -3.41
C LYS B 155 -9.29 -30.02 -3.11
N ALA B 156 -10.02 -30.70 -3.94
CA ALA B 156 -11.42 -31.06 -3.69
C ALA B 156 -11.39 -32.52 -3.33
N ASP B 157 -11.82 -32.81 -2.12
CA ASP B 157 -11.53 -34.08 -1.53
C ASP B 157 -10.00 -34.34 -1.61
N SER B 158 -9.54 -35.41 -2.31
CA SER B 158 -8.12 -35.68 -2.49
C SER B 158 -7.56 -35.25 -3.84
N SER B 159 -8.38 -34.71 -4.73
CA SER B 159 -7.99 -34.44 -6.11
C SER B 159 -7.61 -32.99 -6.29
N PRO B 160 -6.49 -32.72 -6.97
CA PRO B 160 -6.09 -31.32 -7.22
C PRO B 160 -7.17 -30.59 -8.00
N VAL B 161 -7.42 -29.33 -7.62
CA VAL B 161 -8.37 -28.50 -8.36
C VAL B 161 -7.70 -27.16 -8.66
N LYS B 162 -7.90 -26.67 -9.89
CA LYS B 162 -7.40 -25.36 -10.33
C LYS B 162 -8.51 -24.41 -10.74
N ALA B 163 -9.60 -24.94 -11.28
CA ALA B 163 -10.74 -24.13 -11.67
C ALA B 163 -11.27 -23.35 -10.51
N GLY B 164 -11.40 -22.06 -10.70
CA GLY B 164 -11.92 -21.19 -9.67
C GLY B 164 -10.93 -20.63 -8.66
N VAL B 165 -9.67 -21.02 -8.73
CA VAL B 165 -8.64 -20.56 -7.79
C VAL B 165 -8.05 -19.24 -8.30
N GLU B 166 -7.94 -18.23 -7.42
CA GLU B 166 -7.32 -16.94 -7.71
C GLU B 166 -6.47 -16.54 -6.51
N THR B 167 -5.16 -16.34 -6.74
CA THR B 167 -4.17 -16.21 -5.68
C THR B 167 -3.40 -14.94 -5.87
N THR B 168 -3.13 -14.22 -4.77
CA THR B 168 -2.37 -12.98 -4.86
C THR B 168 -0.87 -13.27 -4.85
N THR B 169 -0.11 -12.33 -5.42
CA THR B 169 1.34 -12.42 -5.32
C THR B 169 1.75 -12.05 -3.89
N PRO B 170 2.81 -12.67 -3.36
CA PRO B 170 3.23 -12.28 -2.00
C PRO B 170 3.59 -10.82 -1.89
N SER B 171 3.26 -10.27 -0.75
CA SER B 171 3.39 -8.85 -0.46
C SER B 171 4.10 -8.69 0.87
N LYS B 172 5.03 -7.76 0.93
CA LYS B 172 5.85 -7.52 2.15
C LYS B 172 5.00 -6.83 3.22
N GLN B 173 4.96 -7.42 4.41
CA GLN B 173 4.32 -6.85 5.58
C GLN B 173 5.20 -5.81 6.24
N SER B 174 4.62 -5.12 7.25
CA SER B 174 5.39 -4.11 7.96
C SER B 174 6.48 -4.74 8.83
N ASN B 175 6.39 -6.07 9.12
CA ASN B 175 7.40 -6.74 9.94
C ASN B 175 8.42 -7.52 9.12
N ASN B 176 8.47 -7.26 7.81
CA ASN B 176 9.42 -7.76 6.85
C ASN B 176 9.12 -9.16 6.39
N LYS B 177 8.15 -9.83 6.97
CA LYS B 177 7.64 -11.09 6.44
C LYS B 177 6.60 -10.78 5.40
N TYR B 178 5.98 -11.83 4.84
CA TYR B 178 5.16 -11.73 3.65
C TYR B 178 3.79 -12.30 3.94
N ALA B 179 2.83 -11.82 3.12
CA ALA B 179 1.46 -12.28 3.15
C ALA B 179 0.94 -12.52 1.76
N ALA B 180 0.00 -13.45 1.63
CA ALA B 180 -0.69 -13.79 0.40
C ALA B 180 -2.07 -14.33 0.79
N SER B 181 -2.96 -14.37 -0.18
CA SER B 181 -4.28 -14.93 0.04
C SER B 181 -4.65 -15.71 -1.24
N SER B 182 -5.44 -16.75 -1.07
CA SER B 182 -5.95 -17.50 -2.20
C SER B 182 -7.44 -17.74 -1.99
N TYR B 183 -8.20 -17.57 -3.05
CA TYR B 183 -9.65 -17.66 -3.06
C TYR B 183 -10.08 -18.74 -4.03
N LEU B 184 -10.94 -19.62 -3.60
CA LEU B 184 -11.51 -20.63 -4.49
C LEU B 184 -13.00 -20.33 -4.63
N SER B 185 -13.41 -20.01 -5.86
CA SER B 185 -14.82 -19.75 -6.16
C SER B 185 -15.50 -21.01 -6.65
N LEU B 186 -16.57 -21.36 -5.99
CA LEU B 186 -17.40 -22.51 -6.32
C LEU B 186 -18.87 -22.11 -6.37
N THR B 187 -19.67 -23.03 -6.99
CA THR B 187 -21.12 -22.86 -6.81
C THR B 187 -21.48 -23.41 -5.45
N PRO B 188 -22.63 -23.02 -4.91
CA PRO B 188 -23.06 -23.70 -3.69
C PRO B 188 -23.22 -25.21 -3.85
N GLU B 189 -23.69 -25.69 -5.00
CA GLU B 189 -23.84 -27.13 -5.23
C GLU B 189 -22.49 -27.86 -5.20
N GLN B 190 -21.42 -27.24 -5.74
CA GLN B 190 -20.11 -27.86 -5.65
C GLN B 190 -19.63 -27.92 -4.21
N TRP B 191 -19.82 -26.83 -3.48
CA TRP B 191 -19.44 -26.80 -2.07
C TRP B 191 -20.12 -27.93 -1.29
N LYS B 192 -21.42 -28.10 -1.50
CA LYS B 192 -22.18 -29.07 -0.73
C LYS B 192 -21.93 -30.50 -1.20
N SER B 193 -21.43 -30.70 -2.42
CA SER B 193 -21.33 -32.02 -3.02
C SER B 193 -20.00 -32.73 -2.80
N HIS B 194 -19.03 -32.09 -2.17
CA HIS B 194 -17.79 -32.74 -1.83
C HIS B 194 -17.74 -32.95 -0.32
N ARG B 195 -16.88 -33.84 0.09
CA ARG B 195 -16.67 -34.14 1.50
C ARG B 195 -15.84 -33.03 2.16
N SER B 196 -14.92 -32.45 1.40
CA SER B 196 -14.07 -31.39 1.93
C SER B 196 -13.31 -30.71 0.80
N TYR B 197 -12.74 -29.54 1.12
CA TYR B 197 -11.78 -28.83 0.30
C TYR B 197 -10.60 -28.48 1.16
N SER B 198 -9.44 -28.36 0.53
CA SER B 198 -8.20 -28.09 1.27
C SER B 198 -7.39 -27.05 0.53
N CYS B 199 -6.75 -26.19 1.30
CA CYS B 199 -5.71 -25.31 0.82
C CYS B 199 -4.37 -25.74 1.36
N GLN B 200 -3.42 -25.92 0.44
CA GLN B 200 -2.08 -26.46 0.70
C GLN B 200 -1.08 -25.36 0.36
N VAL B 201 -0.31 -24.94 1.36
CA VAL B 201 0.65 -23.88 1.21
C VAL B 201 2.05 -24.46 1.37
N THR B 202 2.85 -24.40 0.32
CA THR B 202 4.20 -24.92 0.36
C THR B 202 5.23 -23.78 0.42
N HIS B 203 6.11 -23.88 1.37
CA HIS B 203 7.09 -22.84 1.68
C HIS B 203 8.40 -23.50 2.12
N GLU B 204 9.47 -23.26 1.32
CA GLU B 204 10.82 -23.78 1.61
C GLU B 204 10.79 -25.28 1.85
N GLY B 205 10.06 -26.02 0.99
CA GLY B 205 10.07 -27.46 1.02
C GLY B 205 9.08 -28.12 1.97
N SER B 206 8.38 -27.39 2.80
CA SER B 206 7.44 -27.88 3.78
C SER B 206 6.07 -27.29 3.54
N THR B 207 5.01 -28.02 3.87
CA THR B 207 3.65 -27.69 3.48
C THR B 207 2.69 -27.67 4.65
N VAL B 208 1.88 -26.66 4.74
CA VAL B 208 0.82 -26.53 5.72
C VAL B 208 -0.47 -26.66 4.94
N GLU B 209 -1.33 -27.58 5.31
CA GLU B 209 -2.62 -27.76 4.66
C GLU B 209 -3.76 -27.58 5.67
N LYS B 210 -4.76 -26.77 5.32
CA LYS B 210 -5.95 -26.63 6.12
C LYS B 210 -7.11 -27.14 5.29
N THR B 211 -8.13 -27.69 5.97
CA THR B 211 -9.28 -28.30 5.31
C THR B 211 -10.53 -27.73 5.93
N VAL B 212 -11.60 -27.60 5.11
CA VAL B 212 -12.94 -27.25 5.59
C VAL B 212 -13.92 -28.22 4.92
N ALA B 213 -15.02 -28.46 5.58
CA ALA B 213 -16.08 -29.38 5.12
C ALA B 213 -17.47 -28.82 5.32
N PRO B 214 -18.37 -29.04 4.36
CA PRO B 214 -19.71 -28.48 4.49
C PRO B 214 -20.50 -29.08 5.62
N THR B 215 -20.13 -30.24 6.12
CA THR B 215 -20.84 -30.85 7.23
C THR B 215 -20.42 -30.28 8.59
N GLU B 216 -19.42 -29.40 8.67
CA GLU B 216 -19.06 -28.69 9.91
C GLU B 216 -19.89 -27.42 10.11
N CYS B 217 -20.33 -27.21 11.35
CA CYS B 217 -20.77 -25.89 11.80
C CYS B 217 -19.89 -25.41 12.93
N SER B 218 -18.94 -26.24 13.36
CA SER B 218 -17.90 -25.92 14.34
C SER B 218 -17.93 -24.57 15.01
#